data_9VIT
#
_entry.id   9VIT
#
_cell.length_a   52.740
_cell.length_b   55.533
_cell.length_c   97.807
_cell.angle_alpha   90.00
_cell.angle_beta   100.95
_cell.angle_gamma   90.00
#
_symmetry.space_group_name_H-M   'P 1 21 1'
#
loop_
_entity.id
_entity.type
_entity.pdbx_description
1 polymer 'Adenosylcobinamide kinase'
2 non-polymer "GUANOSINE-5'-TRIPHOSPHATE"
3 non-polymer 'MAGNESIUM ION'
4 non-polymer TRIPHOSPHATE
5 water water
#
_entity_poly.entity_id   1
_entity_poly.type   'polypeptide(L)'
_entity_poly.pdbx_seq_one_letter_code
;MGSSHHHHHHSSGLVPRGSHMTLVLGGIRSGKSQYAEQIAAGFGKKILYVATAEVWPGAGSMEYRVRKAQERRPKSWLTL
ECPRHVASAVGESGLLDQVDGVILECVTLLSSNTLYAQKDPTDYEPFQEALIEEIEALKKLIRQSPVPWVLVSSETGMGI
SQSDAETRHYCDGLGIANQLLAKSADEVYFMVAGLPLTVKKG
;
_entity_poly.pdbx_strand_id   A,B,C
#
loop_
_chem_comp.id
_chem_comp.type
_chem_comp.name
_chem_comp.formula
3PO non-polymer TRIPHOSPHATE 'H5 O10 P3'
GTP non-polymer GUANOSINE-5'-TRIPHOSPHATE 'C10 H16 N5 O14 P3'
MG non-polymer 'MAGNESIUM ION' 'Mg 2'
#
# COMPACT_ATOMS: atom_id res chain seq x y z
N GLY A 18 21.08 15.59 3.91
CA GLY A 18 21.21 16.98 3.51
C GLY A 18 20.17 17.47 2.51
N SER A 19 18.92 17.04 2.72
CA SER A 19 17.80 17.37 1.84
C SER A 19 16.99 18.50 2.43
N HIS A 20 16.52 19.42 1.57
CA HIS A 20 15.74 20.55 2.06
C HIS A 20 14.31 20.15 2.40
N MET A 21 13.63 19.46 1.49
CA MET A 21 12.25 19.04 1.69
C MET A 21 12.16 17.53 1.55
N THR A 22 11.66 16.87 2.58
CA THR A 22 11.50 15.43 2.60
C THR A 22 10.07 15.07 2.98
N LEU A 23 9.42 14.27 2.14
CA LEU A 23 8.11 13.73 2.45
C LEU A 23 8.29 12.27 2.82
N VAL A 24 7.84 11.90 4.02
CA VAL A 24 7.86 10.52 4.47
C VAL A 24 6.40 10.10 4.60
N LEU A 25 5.98 9.16 3.77
CA LEU A 25 4.59 8.73 3.85
C LEU A 25 4.54 7.23 3.97
N GLY A 26 3.43 6.75 4.52
CA GLY A 26 3.28 5.33 4.78
C GLY A 26 1.93 5.07 5.43
N GLY A 27 1.64 3.79 5.58
CA GLY A 27 0.38 3.40 6.18
C GLY A 27 0.41 3.54 7.68
N ILE A 28 -0.70 3.11 8.29
CA ILE A 28 -0.85 3.14 9.74
C ILE A 28 0.21 2.25 10.36
N ARG A 29 0.93 2.78 11.35
CA ARG A 29 1.95 2.00 12.04
C ARG A 29 2.94 1.41 11.06
N SER A 30 3.49 2.27 10.21
CA SER A 30 4.50 1.87 9.24
C SER A 30 5.88 2.36 9.60
N GLY A 31 6.04 3.03 10.75
CA GLY A 31 7.31 3.59 11.15
C GLY A 31 7.64 4.95 10.58
N LYS A 32 6.67 5.64 9.95
CA LYS A 32 6.97 6.90 9.30
C LYS A 32 7.34 7.99 10.29
N SER A 33 6.71 8.00 11.48
CA SER A 33 7.03 9.01 12.48
C SER A 33 8.46 8.83 12.99
N GLN A 34 8.85 7.60 13.34
CA GLN A 34 10.19 7.40 13.85
C GLN A 34 11.23 7.69 12.79
N TYR A 35 10.96 7.32 11.54
CA TYR A 35 11.91 7.59 10.47
C TYR A 35 12.04 9.09 10.21
N ALA A 36 10.92 9.81 10.18
CA ALA A 36 10.98 11.25 10.00
C ALA A 36 11.67 11.94 11.18
N GLU A 37 11.50 11.39 12.39
CA GLU A 37 12.19 11.96 13.56
C GLU A 37 13.67 11.73 13.47
N GLN A 38 14.09 10.58 12.92
CA GLN A 38 15.52 10.38 12.69
C GLN A 38 16.04 11.39 11.67
N ILE A 39 15.28 11.62 10.61
CA ILE A 39 15.67 12.62 9.61
C ILE A 39 15.81 14.00 10.27
N ALA A 40 14.83 14.37 11.10
CA ALA A 40 14.85 15.66 11.76
C ALA A 40 16.01 15.80 12.74
N ALA A 41 16.31 14.73 13.48
CA ALA A 41 17.49 14.76 14.35
C ALA A 41 18.75 14.95 13.53
N GLY A 42 18.77 14.41 12.31
CA GLY A 42 19.86 14.71 11.39
C GLY A 42 19.90 16.17 10.98
N PHE A 43 18.74 16.84 10.99
CA PHE A 43 18.74 18.28 10.70
C PHE A 43 19.55 19.05 11.73
N GLY A 44 19.44 18.66 13.00
CA GLY A 44 20.11 19.39 14.07
C GLY A 44 19.55 18.95 15.41
N LYS A 45 19.78 19.77 16.43
CA LYS A 45 19.29 19.46 17.76
C LYS A 45 18.02 20.24 18.13
N LYS A 46 17.86 21.43 17.61
CA LYS A 46 16.69 22.26 17.88
C LYS A 46 15.74 22.12 16.70
N ILE A 47 14.63 21.41 16.93
CA ILE A 47 13.68 21.06 15.88
C ILE A 47 12.31 21.63 16.23
N LEU A 48 11.67 22.28 15.25
CA LEU A 48 10.31 22.75 15.38
C LEU A 48 9.38 21.59 15.00
N TYR A 49 8.69 21.06 16.00
CA TYR A 49 7.71 19.99 15.82
C TYR A 49 6.35 20.65 15.64
N VAL A 50 5.92 20.81 14.37
CA VAL A 50 4.62 21.41 14.06
C VAL A 50 3.60 20.28 14.10
N ALA A 51 2.84 20.22 15.18
CA ALA A 51 1.82 19.19 15.37
C ALA A 51 0.45 19.72 14.95
N THR A 52 -0.27 18.95 14.15
CA THR A 52 -1.59 19.36 13.68
C THR A 52 -2.73 18.60 14.33
N ALA A 53 -2.43 17.60 15.16
CA ALA A 53 -3.48 16.90 15.87
C ALA A 53 -4.15 17.85 16.87
N GLU A 54 -5.46 17.69 17.04
CA GLU A 54 -6.23 18.51 17.99
C GLU A 54 -7.08 17.56 18.83
N VAL A 55 -6.63 17.29 20.06
CA VAL A 55 -7.38 16.41 20.96
C VAL A 55 -7.78 17.17 22.22
N MET A 62 -6.91 8.27 21.20
CA MET A 62 -5.95 9.14 20.52
C MET A 62 -4.88 9.63 21.49
N GLU A 63 -5.25 9.73 22.77
CA GLU A 63 -4.31 10.22 23.78
C GLU A 63 -3.07 9.34 23.86
N TYR A 64 -3.22 8.04 23.63
CA TYR A 64 -2.07 7.14 23.71
C TYR A 64 -1.01 7.51 22.68
N ARG A 65 -1.45 7.78 21.45
CA ARG A 65 -0.55 8.21 20.37
C ARG A 65 0.28 9.41 20.79
N VAL A 66 -0.42 10.49 21.18
CA VAL A 66 0.25 11.74 21.50
C VAL A 66 1.16 11.58 22.71
N ARG A 67 0.69 10.85 23.72
CA ARG A 67 1.50 10.63 24.92
C ARG A 67 2.80 9.90 24.57
N LYS A 68 2.69 8.75 23.90
CA LYS A 68 3.88 7.97 23.56
C LYS A 68 4.80 8.74 22.63
N ALA A 69 4.25 9.61 21.78
CA ALA A 69 5.09 10.39 20.88
C ALA A 69 5.82 11.51 21.62
N GLN A 70 5.11 12.26 22.46
CA GLN A 70 5.72 13.32 23.25
C GLN A 70 6.80 12.77 24.18
N GLU A 71 6.60 11.56 24.71
CA GLU A 71 7.55 10.99 25.64
C GLU A 71 8.95 10.90 25.02
N ARG A 72 9.04 10.43 23.78
CA ARG A 72 10.32 10.26 23.11
C ARG A 72 10.79 11.51 22.40
N ARG A 73 10.20 12.66 22.69
CA ARG A 73 10.59 13.88 21.98
C ARG A 73 11.83 14.48 22.64
N PRO A 74 12.86 14.84 21.87
CA PRO A 74 14.02 15.50 22.45
C PRO A 74 13.61 16.79 23.16
N LYS A 75 14.18 17.00 24.36
CA LYS A 75 13.79 18.14 25.18
C LYS A 75 14.24 19.46 24.59
N SER A 76 15.11 19.44 23.59
CA SER A 76 15.52 20.65 22.89
C SER A 76 14.62 20.98 21.71
N TRP A 77 13.53 20.24 21.53
CA TRP A 77 12.61 20.48 20.43
C TRP A 77 11.47 21.39 20.89
N LEU A 78 11.04 22.27 20.00
CA LEU A 78 9.91 23.15 20.26
C LEU A 78 8.68 22.63 19.53
N THR A 79 7.60 22.44 20.28
CA THR A 79 6.37 21.87 19.74
C THR A 79 5.36 22.98 19.54
N LEU A 80 5.08 23.33 18.28
CA LEU A 80 4.08 24.32 17.95
C LEU A 80 2.84 23.58 17.45
N GLU A 81 1.76 23.65 18.22
CA GLU A 81 0.53 23.00 17.80
C GLU A 81 -0.24 23.92 16.87
N CYS A 82 -0.62 23.39 15.72
CA CYS A 82 -1.19 24.22 14.65
C CYS A 82 -2.12 23.35 13.83
N PRO A 83 -3.41 23.30 14.18
CA PRO A 83 -4.33 22.39 13.48
C PRO A 83 -4.65 22.83 12.06
N ARG A 84 -4.66 24.13 11.78
CA ARG A 84 -4.88 24.61 10.42
C ARG A 84 -4.01 25.83 10.20
N HIS A 85 -3.90 26.24 8.93
CA HIS A 85 -3.10 27.39 8.53
C HIS A 85 -1.64 27.24 9.00
N VAL A 86 -1.03 26.13 8.60
CA VAL A 86 0.31 25.83 9.09
C VAL A 86 1.32 26.86 8.58
N ALA A 87 1.25 27.21 7.30
CA ALA A 87 2.19 28.20 6.77
C ALA A 87 2.05 29.53 7.50
N SER A 88 0.81 30.02 7.62
CA SER A 88 0.57 31.27 8.31
C SER A 88 1.08 31.22 9.74
N ALA A 89 0.68 30.19 10.49
CA ALA A 89 1.03 30.14 11.91
C ALA A 89 2.54 30.02 12.10
N VAL A 90 3.21 29.21 11.29
CA VAL A 90 4.65 29.05 11.44
C VAL A 90 5.38 30.33 11.09
N GLY A 91 4.91 31.05 10.07
CA GLY A 91 5.49 32.35 9.77
C GLY A 91 5.27 33.34 10.90
N GLU A 92 4.06 33.34 11.47
CA GLU A 92 3.74 34.27 12.54
C GLU A 92 4.56 33.99 13.79
N SER A 93 4.83 32.71 14.07
CA SER A 93 5.59 32.36 15.25
C SER A 93 7.04 32.81 15.17
N GLY A 94 7.54 33.09 13.97
CA GLY A 94 8.93 33.49 13.80
C GLY A 94 9.94 32.46 14.27
N LEU A 95 9.48 31.23 14.54
CA LEU A 95 10.35 30.19 15.07
C LEU A 95 11.23 29.54 14.02
N LEU A 96 11.01 29.79 12.74
CA LEU A 96 11.89 29.24 11.72
C LEU A 96 13.32 29.74 11.90
N ASP A 97 13.48 30.92 12.51
CA ASP A 97 14.78 31.51 12.78
C ASP A 97 15.39 31.07 14.10
N GLN A 98 14.70 30.21 14.86
CA GLN A 98 15.18 29.75 16.15
C GLN A 98 15.63 28.29 16.15
N VAL A 99 15.29 27.53 15.11
CA VAL A 99 15.50 26.09 15.10
C VAL A 99 16.42 25.70 13.96
N ASP A 100 16.86 24.43 13.98
CA ASP A 100 17.67 23.85 12.92
C ASP A 100 16.83 23.25 11.80
N GLY A 101 15.57 22.89 12.07
CA GLY A 101 14.74 22.29 11.05
C GLY A 101 13.36 22.02 11.61
N VAL A 102 12.47 21.59 10.72
CA VAL A 102 11.05 21.44 11.02
C VAL A 102 10.62 20.02 10.68
N ILE A 103 9.80 19.43 11.55
CA ILE A 103 9.09 18.20 11.25
C ILE A 103 7.61 18.50 11.38
N LEU A 104 6.86 18.21 10.30
CA LEU A 104 5.44 18.47 10.24
C LEU A 104 4.69 17.16 10.47
N GLU A 105 3.93 17.10 11.57
CA GLU A 105 3.17 15.92 11.96
C GLU A 105 1.73 16.34 12.20
N CYS A 106 0.83 16.06 11.26
CA CYS A 106 1.08 15.35 10.00
C CYS A 106 0.06 15.85 8.97
N VAL A 107 0.38 15.66 7.69
CA VAL A 107 -0.50 16.14 6.61
C VAL A 107 -1.86 15.45 6.66
N THR A 108 -1.89 14.23 7.19
CA THR A 108 -3.13 13.48 7.31
C THR A 108 -4.16 14.22 8.13
N LEU A 109 -3.81 14.53 9.39
CA LEU A 109 -4.73 15.26 10.25
C LEU A 109 -4.93 16.69 9.79
N LEU A 110 -3.94 17.29 9.10
CA LEU A 110 -4.18 18.60 8.51
C LEU A 110 -5.33 18.54 7.53
N SER A 111 -5.33 17.52 6.66
CA SER A 111 -6.43 17.36 5.71
C SER A 111 -7.75 17.05 6.43
N SER A 112 -7.69 16.22 7.47
CA SER A 112 -8.92 15.92 8.22
C SER A 112 -9.51 17.18 8.84
N ASN A 113 -8.65 17.99 9.47
CA ASN A 113 -9.07 19.28 10.03
C ASN A 113 -9.68 20.17 8.95
N THR A 114 -9.01 20.27 7.80
CA THR A 114 -9.53 21.10 6.73
C THR A 114 -10.90 20.61 6.27
N LEU A 115 -11.11 19.31 6.22
CA LEU A 115 -12.41 18.76 5.84
C LEU A 115 -13.48 19.10 6.87
N TYR A 116 -13.17 18.90 8.16
CA TYR A 116 -14.16 19.11 9.21
C TYR A 116 -14.41 20.57 9.54
N ALA A 117 -13.65 21.50 8.97
CA ALA A 117 -13.87 22.92 9.18
C ALA A 117 -14.81 23.53 8.16
N GLN A 118 -15.29 22.76 7.20
CA GLN A 118 -16.18 23.28 6.17
C GLN A 118 -17.63 23.24 6.64
N LYS A 119 -18.46 24.05 5.99
CA LYS A 119 -19.89 24.03 6.30
C LYS A 119 -20.49 22.67 5.97
N ASP A 120 -20.16 22.14 4.79
CA ASP A 120 -20.74 20.90 4.29
C ASP A 120 -19.60 19.93 3.96
N PRO A 121 -19.23 19.05 4.91
CA PRO A 121 -18.15 18.09 4.64
C PRO A 121 -18.47 17.07 3.54
N THR A 122 -19.72 17.01 3.07
CA THR A 122 -20.06 16.16 1.92
C THR A 122 -19.84 16.88 0.59
N ASP A 123 -19.49 18.16 0.61
CA ASP A 123 -19.26 18.93 -0.60
C ASP A 123 -17.75 18.97 -0.86
N TYR A 124 -17.34 18.41 -1.99
CA TYR A 124 -15.92 18.17 -2.20
C TYR A 124 -15.17 19.42 -2.63
N GLU A 125 -15.71 20.15 -3.61
CA GLU A 125 -14.97 21.25 -4.22
C GLU A 125 -14.47 22.30 -3.22
N PRO A 126 -15.28 22.81 -2.29
CA PRO A 126 -14.74 23.79 -1.33
C PRO A 126 -13.66 23.20 -0.45
N PHE A 127 -13.82 21.93 -0.05
CA PHE A 127 -12.79 21.26 0.73
C PHE A 127 -11.49 21.13 -0.06
N GLN A 128 -11.59 20.73 -1.33
CA GLN A 128 -10.39 20.63 -2.17
C GLN A 128 -9.72 21.98 -2.31
N GLU A 129 -10.50 23.03 -2.53
CA GLU A 129 -9.92 24.37 -2.64
C GLU A 129 -9.19 24.75 -1.36
N ALA A 130 -9.83 24.51 -0.21
CA ALA A 130 -9.21 24.87 1.07
C ALA A 130 -7.92 24.09 1.29
N LEU A 131 -7.92 22.79 1.00
CA LEU A 131 -6.73 21.99 1.22
C LEU A 131 -5.61 22.36 0.26
N ILE A 132 -5.95 22.62 -1.01
CA ILE A 132 -4.93 23.01 -1.97
C ILE A 132 -4.30 24.35 -1.59
N GLU A 133 -5.13 25.30 -1.13
CA GLU A 133 -4.57 26.57 -0.68
C GLU A 133 -3.65 26.38 0.53
N GLU A 134 -4.07 25.55 1.49
CA GLU A 134 -3.23 25.25 2.64
C GLU A 134 -1.89 24.68 2.19
N ILE A 135 -1.93 23.73 1.24
CA ILE A 135 -0.72 23.06 0.80
C ILE A 135 0.17 24.03 0.03
N GLU A 136 -0.43 24.88 -0.81
CA GLU A 136 0.36 25.83 -1.58
C GLU A 136 1.02 26.86 -0.67
N ALA A 137 0.31 27.30 0.37
CA ALA A 137 0.92 28.20 1.34
C ALA A 137 2.07 27.51 2.05
N LEU A 138 1.88 26.25 2.45
CA LEU A 138 2.94 25.49 3.10
C LEU A 138 4.15 25.33 2.17
N LYS A 139 3.87 25.10 0.88
CA LYS A 139 4.94 24.97 -0.09
C LYS A 139 5.74 26.26 -0.21
N LYS A 140 5.04 27.39 -0.33
CA LYS A 140 5.72 28.68 -0.39
C LYS A 140 6.57 28.90 0.85
N LEU A 141 6.00 28.65 2.04
CA LEU A 141 6.76 28.84 3.27
C LEU A 141 8.01 27.98 3.27
N ILE A 142 7.91 26.74 2.77
CA ILE A 142 9.07 25.86 2.73
C ILE A 142 10.10 26.36 1.73
N ARG A 143 9.65 26.93 0.61
CA ARG A 143 10.58 27.48 -0.37
C ARG A 143 11.43 28.59 0.22
N GLN A 144 10.83 29.42 1.06
CA GLN A 144 11.53 30.52 1.71
C GLN A 144 12.10 30.13 3.06
N SER A 145 11.93 28.88 3.48
CA SER A 145 12.33 28.50 4.82
C SER A 145 13.85 28.50 4.92
N PRO A 146 14.43 29.10 5.95
CA PRO A 146 15.89 28.99 6.14
C PRO A 146 16.32 27.62 6.65
N VAL A 147 15.39 26.84 7.21
CA VAL A 147 15.71 25.53 7.76
C VAL A 147 15.05 24.45 6.92
N PRO A 148 15.54 23.20 6.94
CA PRO A 148 14.89 22.14 6.15
C PRO A 148 13.63 21.63 6.84
N TRP A 149 12.81 20.96 6.05
CA TRP A 149 11.55 20.41 6.52
C TRP A 149 11.48 18.93 6.17
N VAL A 150 10.97 18.14 7.11
CA VAL A 150 10.56 16.76 6.86
C VAL A 150 9.07 16.69 7.18
N LEU A 151 8.29 16.16 6.25
CA LEU A 151 6.84 16.14 6.37
C LEU A 151 6.35 14.70 6.46
N VAL A 152 5.37 14.46 7.35
CA VAL A 152 4.78 13.14 7.50
C VAL A 152 3.37 13.17 6.94
N SER A 153 3.05 12.16 6.14
CA SER A 153 1.72 11.99 5.60
C SER A 153 1.40 10.50 5.58
N SER A 154 0.13 10.18 5.38
CA SER A 154 -0.32 8.79 5.36
C SER A 154 -0.72 8.38 3.94
N GLU A 155 -0.62 7.08 3.68
CA GLU A 155 -1.24 6.48 2.52
C GLU A 155 -2.58 5.90 2.96
N THR A 156 -3.65 6.37 2.35
CA THR A 156 -4.99 5.93 2.70
C THR A 156 -5.78 5.41 1.50
N GLY A 157 -5.16 5.33 0.32
CA GLY A 157 -5.89 5.07 -0.91
C GLY A 157 -5.83 3.67 -1.47
N MET A 158 -5.23 2.71 -0.77
CA MET A 158 -5.04 1.37 -1.33
C MET A 158 -5.88 0.31 -0.63
N GLY A 159 -6.95 0.73 0.03
CA GLY A 159 -7.93 -0.20 0.54
C GLY A 159 -9.15 -0.24 -0.35
N ILE A 160 -10.24 -0.63 0.22
CA ILE A 160 -11.48 -0.70 -0.54
C ILE A 160 -12.17 0.66 -0.50
N SER A 161 -12.84 0.99 -1.60
CA SER A 161 -13.49 2.29 -1.72
C SER A 161 -14.63 2.37 -0.71
N GLN A 162 -14.50 3.27 0.26
CA GLN A 162 -15.45 3.34 1.36
C GLN A 162 -16.78 3.93 0.88
N SER A 163 -17.80 3.76 1.72
CA SER A 163 -19.16 4.11 1.33
C SER A 163 -19.41 5.60 1.48
N ASP A 164 -18.96 6.18 2.59
CA ASP A 164 -19.30 7.56 2.91
C ASP A 164 -18.72 8.52 1.89
N ALA A 165 -19.53 9.49 1.45
CA ALA A 165 -19.07 10.49 0.51
C ALA A 165 -18.02 11.38 1.16
N GLU A 166 -18.18 11.65 2.46
CA GLU A 166 -17.20 12.44 3.18
C GLU A 166 -15.87 11.70 3.21
N THR A 167 -15.92 10.38 3.40
CA THR A 167 -14.70 9.58 3.42
C THR A 167 -14.03 9.57 2.04
N ARG A 168 -14.82 9.46 0.98
CA ARG A 168 -14.26 9.53 -0.37
C ARG A 168 -13.60 10.89 -0.64
N HIS A 169 -14.25 11.96 -0.19
CA HIS A 169 -13.67 13.30 -0.33
C HIS A 169 -12.35 13.41 0.42
N TYR A 170 -12.34 12.90 1.66
CA TYR A 170 -11.12 12.93 2.44
C TYR A 170 -9.99 12.17 1.76
N CYS A 171 -10.29 10.98 1.24
CA CYS A 171 -9.29 10.18 0.56
C CYS A 171 -8.74 10.91 -0.66
N ASP A 172 -9.63 11.41 -1.52
CA ASP A 172 -9.20 12.17 -2.70
C ASP A 172 -8.33 13.36 -2.31
N GLY A 173 -8.77 14.13 -1.31
CA GLY A 173 -8.04 15.33 -0.94
C GLY A 173 -6.67 15.02 -0.39
N LEU A 174 -6.57 14.02 0.49
CA LEU A 174 -5.26 13.63 1.02
C LEU A 174 -4.35 13.14 -0.09
N GLY A 175 -4.91 12.39 -1.05
CA GLY A 175 -4.10 11.94 -2.18
C GLY A 175 -3.56 13.09 -3.00
N ILE A 176 -4.41 14.08 -3.29
CA ILE A 176 -4.00 15.26 -4.04
C ILE A 176 -2.93 16.03 -3.27
N ALA A 177 -3.13 16.17 -1.96
CA ALA A 177 -2.17 16.88 -1.13
C ALA A 177 -0.82 16.19 -1.13
N ASN A 178 -0.83 14.85 -1.02
CA ASN A 178 0.40 14.09 -1.06
C ASN A 178 1.07 14.19 -2.42
N GLN A 179 0.29 14.21 -3.50
CA GLN A 179 0.86 14.40 -4.83
C GLN A 179 1.60 15.74 -4.91
N LEU A 180 0.96 16.82 -4.45
CA LEU A 180 1.61 18.12 -4.46
C LEU A 180 2.89 18.11 -3.62
N LEU A 181 2.81 17.60 -2.40
CA LEU A 181 3.97 17.64 -1.52
C LEU A 181 5.11 16.81 -2.08
N ALA A 182 4.80 15.65 -2.66
CA ALA A 182 5.85 14.81 -3.22
C ALA A 182 6.46 15.44 -4.46
N LYS A 183 5.65 16.16 -5.24
CA LYS A 183 6.19 16.86 -6.39
C LYS A 183 7.17 17.95 -5.97
N SER A 184 6.85 18.68 -4.90
CA SER A 184 7.75 19.74 -4.44
C SER A 184 8.96 19.20 -3.69
N ALA A 185 8.83 18.02 -3.08
CA ALA A 185 9.84 17.53 -2.17
C ALA A 185 11.13 17.15 -2.89
N ASP A 186 12.24 17.27 -2.16
CA ASP A 186 13.54 16.83 -2.64
C ASP A 186 13.72 15.32 -2.47
N GLU A 187 13.31 14.77 -1.33
CA GLU A 187 13.36 13.32 -1.15
C GLU A 187 12.02 12.82 -0.65
N VAL A 188 11.56 11.70 -1.22
CA VAL A 188 10.29 11.09 -0.85
C VAL A 188 10.55 9.64 -0.48
N TYR A 189 10.03 9.23 0.67
CA TYR A 189 10.20 7.87 1.19
C TYR A 189 8.83 7.26 1.46
N PHE A 190 8.70 5.99 1.10
CA PHE A 190 7.49 5.22 1.32
C PHE A 190 7.80 4.12 2.33
N MET A 191 7.19 4.20 3.50
CA MET A 191 7.49 3.24 4.55
C MET A 191 6.72 1.96 4.31
N VAL A 192 7.41 0.84 4.36
CA VAL A 192 6.78 -0.46 4.39
C VAL A 192 7.35 -1.14 5.62
N ALA A 193 6.49 -1.36 6.63
CA ALA A 193 6.85 -2.14 7.82
C ALA A 193 8.10 -1.57 8.49
N GLY A 194 8.15 -0.25 8.60
CA GLY A 194 9.26 0.41 9.26
C GLY A 194 10.47 0.65 8.39
N LEU A 195 10.51 0.10 7.18
CA LEU A 195 11.67 0.27 6.33
C LEU A 195 11.32 1.18 5.16
N PRO A 196 12.15 2.14 4.86
CA PRO A 196 11.81 3.10 3.81
C PRO A 196 12.26 2.65 2.44
N LEU A 197 11.35 2.69 1.47
CA LEU A 197 11.72 2.60 0.07
C LEU A 197 11.90 4.01 -0.46
N THR A 198 12.92 4.20 -1.28
CA THR A 198 13.16 5.51 -1.88
C THR A 198 12.27 5.67 -3.09
N VAL A 199 11.36 6.64 -3.06
CA VAL A 199 10.53 6.94 -4.23
C VAL A 199 11.10 8.10 -5.04
N LYS A 200 11.96 8.92 -4.44
CA LYS A 200 12.54 10.08 -5.10
C LYS A 200 13.72 10.52 -4.24
N LYS A 201 14.89 10.65 -4.85
CA LYS A 201 16.08 11.05 -4.09
C LYS A 201 16.92 12.01 -4.93
N GLY A 202 17.31 13.12 -4.31
CA GLY A 202 18.04 14.19 -4.97
C GLY A 202 19.33 13.75 -5.65
N GLY B 13 23.37 3.28 -34.65
CA GLY B 13 23.51 2.09 -33.83
C GLY B 13 22.31 1.17 -33.91
N LEU B 14 21.90 0.64 -32.77
CA LEU B 14 20.75 -0.26 -32.68
C LEU B 14 19.52 0.48 -32.19
N VAL B 15 18.37 0.19 -32.80
CA VAL B 15 17.12 0.89 -32.51
C VAL B 15 16.43 0.18 -31.34
N PRO B 16 16.32 0.82 -30.18
CA PRO B 16 15.67 0.15 -29.04
C PRO B 16 14.16 0.10 -29.20
N ARG B 17 13.58 -1.04 -28.84
CA ARG B 17 12.13 -1.18 -28.77
C ARG B 17 11.64 -0.76 -27.40
N GLY B 18 10.53 -0.02 -27.38
CA GLY B 18 9.88 0.31 -26.14
C GLY B 18 9.19 -0.91 -25.54
N SER B 19 8.39 -0.65 -24.50
CA SER B 19 7.68 -1.72 -23.82
C SER B 19 6.37 -2.02 -24.54
N HIS B 20 6.06 -3.31 -24.66
CA HIS B 20 4.82 -3.71 -25.36
C HIS B 20 3.61 -3.58 -24.44
N MET B 21 3.67 -4.16 -23.24
CA MET B 21 2.57 -4.15 -22.28
C MET B 21 3.07 -3.53 -20.97
N THR B 22 2.38 -2.49 -20.52
CA THR B 22 2.72 -1.78 -19.28
C THR B 22 1.51 -1.72 -18.36
N LEU B 23 1.68 -2.16 -17.13
CA LEU B 23 0.66 -2.04 -16.09
C LEU B 23 1.06 -0.93 -15.14
N VAL B 24 0.15 0.00 -14.92
CA VAL B 24 0.30 1.08 -13.96
C VAL B 24 -0.78 0.89 -12.90
N LEU B 25 -0.39 0.59 -11.67
CA LEU B 25 -1.40 0.44 -10.63
C LEU B 25 -1.01 1.28 -9.41
N GLY B 26 -2.02 1.65 -8.64
CA GLY B 26 -1.80 2.52 -7.50
C GLY B 26 -3.13 2.79 -6.85
N GLY B 27 -3.06 3.47 -5.71
CA GLY B 27 -4.23 3.77 -4.92
C GLY B 27 -5.02 4.92 -5.51
N ILE B 28 -6.06 5.30 -4.76
CA ILE B 28 -6.95 6.40 -5.15
C ILE B 28 -6.17 7.70 -5.18
N ARG B 29 -6.33 8.45 -6.26
CA ARG B 29 -5.68 9.76 -6.43
C ARG B 29 -4.18 9.63 -6.22
N SER B 30 -3.57 8.70 -6.96
CA SER B 30 -2.13 8.44 -6.87
C SER B 30 -1.37 8.89 -8.10
N GLY B 31 -2.03 9.51 -9.08
CA GLY B 31 -1.35 9.94 -10.28
C GLY B 31 -1.20 8.87 -11.33
N LYS B 32 -1.86 7.71 -11.18
CA LYS B 32 -1.65 6.63 -12.14
C LYS B 32 -2.20 6.99 -13.52
N SER B 33 -3.32 7.72 -13.58
CA SER B 33 -3.89 8.10 -14.86
C SER B 33 -2.95 9.02 -15.64
N GLN B 34 -2.40 10.04 -14.97
CA GLN B 34 -1.51 10.97 -15.65
C GLN B 34 -0.22 10.29 -16.08
N TYR B 35 0.32 9.40 -15.26
CA TYR B 35 1.54 8.70 -15.63
C TYR B 35 1.29 7.75 -16.80
N ALA B 36 0.16 7.04 -16.79
CA ALA B 36 -0.18 6.18 -17.90
C ALA B 36 -0.43 7.00 -19.17
N GLU B 37 -1.00 8.20 -19.04
CA GLU B 37 -1.23 9.03 -20.22
C GLU B 37 0.09 9.52 -20.79
N GLN B 38 1.07 9.81 -19.93
CA GLN B 38 2.40 10.12 -20.43
C GLN B 38 3.01 8.95 -21.17
N ILE B 39 2.84 7.73 -20.64
CA ILE B 39 3.31 6.55 -21.35
C ILE B 39 2.65 6.47 -22.73
N ALA B 40 1.33 6.69 -22.78
CA ALA B 40 0.60 6.60 -24.04
C ALA B 40 1.05 7.69 -25.03
N ALA B 41 1.29 8.90 -24.54
CA ALA B 41 1.83 9.94 -25.40
C ALA B 41 3.20 9.55 -25.92
N GLY B 42 3.98 8.81 -25.11
CA GLY B 42 5.22 8.26 -25.62
C GLY B 42 5.01 7.21 -26.69
N PHE B 43 3.85 6.53 -26.67
CA PHE B 43 3.56 5.59 -27.75
C PHE B 43 3.46 6.29 -29.10
N GLY B 44 2.90 7.50 -29.11
CA GLY B 44 2.70 8.21 -30.37
C GLY B 44 1.73 9.35 -30.17
N LYS B 45 1.18 9.82 -31.29
CA LYS B 45 0.23 10.93 -31.24
C LYS B 45 -1.23 10.49 -31.35
N LYS B 46 -1.52 9.42 -32.09
CA LYS B 46 -2.86 8.89 -32.21
C LYS B 46 -2.99 7.71 -31.27
N ILE B 47 -3.75 7.90 -30.19
CA ILE B 47 -3.84 6.93 -29.10
C ILE B 47 -5.30 6.50 -28.95
N LEU B 48 -5.50 5.19 -28.84
CA LEU B 48 -6.82 4.62 -28.54
C LEU B 48 -7.02 4.62 -27.02
N TYR B 49 -7.93 5.47 -26.54
CA TYR B 49 -8.30 5.54 -25.13
C TYR B 49 -9.51 4.64 -24.91
N VAL B 50 -9.28 3.41 -24.44
CA VAL B 50 -10.37 2.49 -24.16
C VAL B 50 -10.86 2.76 -22.75
N ALA B 51 -12.02 3.41 -22.64
CA ALA B 51 -12.62 3.74 -21.35
C ALA B 51 -13.63 2.67 -20.99
N THR B 52 -13.59 2.19 -19.74
CA THR B 52 -14.45 1.11 -19.28
C THR B 52 -15.54 1.56 -18.31
N ALA B 53 -15.63 2.86 -18.00
CA ALA B 53 -16.64 3.31 -17.06
C ALA B 53 -18.03 2.98 -17.55
N GLU B 54 -18.86 2.46 -16.65
CA GLU B 54 -20.20 2.01 -16.99
C GLU B 54 -21.06 3.17 -17.51
N VAL B 55 -21.59 3.01 -18.73
CA VAL B 55 -22.54 3.94 -19.31
C VAL B 55 -23.75 3.17 -19.80
N TRP B 56 -24.94 3.57 -19.36
CA TRP B 56 -26.16 2.84 -19.62
C TRP B 56 -27.33 3.81 -19.84
N ARG B 73 -7.39 15.85 -22.19
CA ARG B 73 -6.95 14.78 -23.10
C ARG B 73 -6.50 15.35 -24.44
N PRO B 74 -5.37 14.84 -24.94
CA PRO B 74 -4.86 15.31 -26.23
C PRO B 74 -5.89 15.18 -27.34
N LYS B 75 -5.99 16.24 -28.15
CA LYS B 75 -7.03 16.37 -29.17
C LYS B 75 -6.86 15.41 -30.34
N SER B 76 -5.73 14.71 -30.46
CA SER B 76 -5.51 13.70 -31.49
C SER B 76 -5.94 12.30 -31.06
N TRP B 77 -6.58 12.14 -29.91
CA TRP B 77 -6.92 10.82 -29.38
C TRP B 77 -8.33 10.37 -29.76
N LEU B 78 -8.47 9.05 -29.93
CA LEU B 78 -9.74 8.40 -30.20
C LEU B 78 -10.23 7.73 -28.92
N THR B 79 -11.45 8.03 -28.52
CA THR B 79 -12.02 7.48 -27.29
C THR B 79 -13.01 6.39 -27.64
N LEU B 80 -12.65 5.14 -27.33
CA LEU B 80 -13.54 4.00 -27.53
C LEU B 80 -14.11 3.60 -26.18
N GLU B 81 -15.43 3.75 -26.03
CA GLU B 81 -16.11 3.35 -24.81
C GLU B 81 -16.47 1.87 -24.88
N CYS B 82 -16.08 1.14 -23.84
CA CYS B 82 -16.29 -0.30 -23.83
C CYS B 82 -16.35 -0.81 -22.38
N PRO B 83 -17.55 -0.92 -21.80
CA PRO B 83 -17.63 -1.32 -20.39
C PRO B 83 -17.28 -2.78 -20.13
N ARG B 84 -17.55 -3.69 -21.06
CA ARG B 84 -17.26 -5.11 -20.89
C ARG B 84 -16.79 -5.72 -22.20
N HIS B 85 -16.23 -6.93 -22.10
CA HIS B 85 -15.74 -7.70 -23.25
C HIS B 85 -14.78 -6.86 -24.08
N VAL B 86 -13.74 -6.36 -23.40
CA VAL B 86 -12.85 -5.39 -24.01
C VAL B 86 -12.14 -5.96 -25.23
N ALA B 87 -11.68 -7.22 -25.12
CA ALA B 87 -11.00 -7.85 -26.25
C ALA B 87 -11.91 -7.89 -27.47
N SER B 88 -13.16 -8.35 -27.28
CA SER B 88 -14.10 -8.46 -28.39
C SER B 88 -14.31 -7.11 -29.06
N ALA B 89 -14.69 -6.09 -28.30
CA ALA B 89 -15.03 -4.80 -28.89
C ALA B 89 -13.82 -4.14 -29.53
N VAL B 90 -12.66 -4.20 -28.87
CA VAL B 90 -11.47 -3.54 -29.40
C VAL B 90 -11.00 -4.25 -30.67
N GLY B 91 -11.07 -5.57 -30.72
CA GLY B 91 -10.73 -6.28 -31.94
C GLY B 91 -11.70 -5.98 -33.06
N GLU B 92 -13.01 -5.95 -32.76
CA GLU B 92 -14.00 -5.71 -33.79
C GLU B 92 -13.89 -4.30 -34.36
N SER B 93 -13.53 -3.32 -33.53
CA SER B 93 -13.43 -1.96 -34.02
C SER B 93 -12.33 -1.80 -35.05
N GLY B 94 -11.38 -2.74 -35.11
CA GLY B 94 -10.28 -2.65 -36.04
C GLY B 94 -9.40 -1.44 -35.80
N LEU B 95 -9.56 -0.77 -34.67
CA LEU B 95 -8.84 0.46 -34.39
C LEU B 95 -7.39 0.21 -33.96
N LEU B 96 -7.01 -1.04 -33.67
CA LEU B 96 -5.60 -1.29 -33.34
C LEU B 96 -4.68 -0.95 -34.50
N ASP B 97 -5.18 -1.03 -35.73
CA ASP B 97 -4.42 -0.66 -36.91
C ASP B 97 -4.54 0.83 -37.22
N GLN B 98 -5.31 1.56 -36.43
CA GLN B 98 -5.56 2.97 -36.67
C GLN B 98 -4.79 3.88 -35.72
N VAL B 99 -4.24 3.33 -34.63
CA VAL B 99 -3.66 4.11 -33.57
C VAL B 99 -2.18 3.77 -33.41
N ASP B 100 -1.49 4.58 -32.62
CA ASP B 100 -0.09 4.33 -32.29
C ASP B 100 0.06 3.42 -31.08
N GLY B 101 -0.96 3.40 -30.21
CA GLY B 101 -0.93 2.60 -28.99
C GLY B 101 -2.24 2.80 -28.26
N VAL B 102 -2.42 2.01 -27.20
CA VAL B 102 -3.68 1.97 -26.47
C VAL B 102 -3.44 2.22 -24.98
N ILE B 103 -4.32 3.01 -24.37
CA ILE B 103 -4.37 3.17 -22.92
C ILE B 103 -5.74 2.68 -22.45
N LEU B 104 -5.72 1.74 -21.52
CA LEU B 104 -6.92 1.13 -20.97
C LEU B 104 -7.22 1.74 -19.61
N GLU B 105 -8.38 2.38 -19.48
CA GLU B 105 -8.83 3.00 -18.25
C GLU B 105 -10.23 2.47 -17.96
N CYS B 106 -10.36 1.56 -16.99
CA CYS B 106 -9.33 0.97 -16.14
C CYS B 106 -9.77 -0.42 -15.71
N VAL B 107 -8.80 -1.25 -15.31
CA VAL B 107 -9.10 -2.62 -14.90
C VAL B 107 -10.02 -2.62 -13.68
N THR B 108 -9.96 -1.57 -12.88
CA THR B 108 -10.81 -1.44 -11.70
C THR B 108 -12.29 -1.46 -12.08
N LEU B 109 -12.67 -0.51 -12.93
CA LEU B 109 -14.08 -0.41 -13.32
C LEU B 109 -14.51 -1.62 -14.14
N LEU B 110 -13.60 -2.21 -14.91
CA LEU B 110 -13.91 -3.45 -15.60
C LEU B 110 -14.26 -4.57 -14.62
N SER B 111 -13.46 -4.72 -13.57
CA SER B 111 -13.74 -5.76 -12.59
C SER B 111 -15.06 -5.52 -11.87
N SER B 112 -15.33 -4.27 -11.49
CA SER B 112 -16.59 -3.95 -10.83
C SER B 112 -17.77 -4.21 -11.75
N ASN B 113 -17.68 -3.77 -13.02
CA ASN B 113 -18.74 -4.05 -13.98
C ASN B 113 -18.98 -5.55 -14.11
N THR B 114 -17.91 -6.33 -14.19
CA THR B 114 -18.06 -7.78 -14.26
C THR B 114 -18.79 -8.31 -13.03
N LEU B 115 -18.51 -7.74 -11.86
CA LEU B 115 -19.21 -8.18 -10.65
C LEU B 115 -20.69 -7.86 -10.73
N TYR B 116 -21.03 -6.65 -11.18
CA TYR B 116 -22.43 -6.19 -11.21
C TYR B 116 -23.23 -6.75 -12.38
N ALA B 117 -22.58 -7.44 -13.33
CA ALA B 117 -23.27 -8.10 -14.41
C ALA B 117 -23.65 -9.55 -14.08
N GLN B 118 -23.31 -10.00 -12.88
CA GLN B 118 -23.57 -11.37 -12.47
C GLN B 118 -24.98 -11.50 -11.88
N LYS B 119 -25.46 -12.74 -11.85
CA LYS B 119 -26.77 -13.02 -11.26
C LYS B 119 -26.76 -12.73 -9.76
N ASP B 120 -25.77 -13.25 -9.05
CA ASP B 120 -25.70 -13.14 -7.59
C ASP B 120 -24.34 -12.59 -7.18
N PRO B 121 -24.23 -11.27 -6.99
CA PRO B 121 -22.93 -10.69 -6.60
C PRO B 121 -22.39 -11.15 -5.25
N THR B 122 -23.16 -11.87 -4.44
CA THR B 122 -22.60 -12.43 -3.22
C THR B 122 -21.91 -13.77 -3.46
N ASP B 123 -22.01 -14.32 -4.68
CA ASP B 123 -21.43 -15.59 -5.06
C ASP B 123 -20.14 -15.35 -5.84
N TYR B 124 -19.02 -15.87 -5.32
CA TYR B 124 -17.70 -15.49 -5.82
C TYR B 124 -17.35 -16.21 -7.14
N GLU B 125 -17.58 -17.53 -7.21
CA GLU B 125 -17.08 -18.32 -8.34
C GLU B 125 -17.52 -17.80 -9.71
N PRO B 126 -18.80 -17.49 -9.96
CA PRO B 126 -19.16 -17.00 -11.31
C PRO B 126 -18.50 -15.68 -11.67
N PHE B 127 -18.39 -14.77 -10.69
CA PHE B 127 -17.70 -13.51 -10.92
C PHE B 127 -16.23 -13.76 -11.23
N GLN B 128 -15.58 -14.65 -10.48
CA GLN B 128 -14.19 -14.98 -10.73
C GLN B 128 -13.99 -15.55 -12.12
N GLU B 129 -14.86 -16.47 -12.54
CA GLU B 129 -14.74 -17.05 -13.87
C GLU B 129 -14.88 -15.99 -14.95
N ALA B 130 -15.91 -15.15 -14.84
CA ALA B 130 -16.11 -14.12 -15.86
C ALA B 130 -14.94 -13.16 -15.91
N LEU B 131 -14.41 -12.76 -14.75
CA LEU B 131 -13.31 -11.82 -14.74
C LEU B 131 -12.03 -12.44 -15.29
N ILE B 132 -11.76 -13.70 -14.92
CA ILE B 132 -10.57 -14.37 -15.44
C ILE B 132 -10.67 -14.51 -16.95
N GLU B 133 -11.86 -14.85 -17.45
CA GLU B 133 -12.05 -14.93 -18.90
C GLU B 133 -11.81 -13.57 -19.55
N GLU B 134 -12.37 -12.50 -18.97
CA GLU B 134 -12.14 -11.16 -19.51
C GLU B 134 -10.65 -10.82 -19.56
N ILE B 135 -9.93 -11.11 -18.49
CA ILE B 135 -8.52 -10.75 -18.41
C ILE B 135 -7.69 -11.61 -19.38
N GLU B 136 -8.02 -12.90 -19.50
CA GLU B 136 -7.30 -13.75 -20.44
C GLU B 136 -7.56 -13.33 -21.87
N ALA B 137 -8.80 -12.91 -22.17
CA ALA B 137 -9.09 -12.41 -23.51
C ALA B 137 -8.30 -11.14 -23.79
N LEU B 138 -8.22 -10.26 -22.80
CA LEU B 138 -7.43 -9.04 -22.96
C LEU B 138 -5.95 -9.38 -23.16
N LYS B 139 -5.45 -10.36 -22.42
CA LYS B 139 -4.05 -10.76 -22.54
C LYS B 139 -3.77 -11.28 -23.95
N LYS B 140 -4.64 -12.17 -24.44
CA LYS B 140 -4.50 -12.71 -25.79
C LYS B 140 -4.53 -11.59 -26.83
N LEU B 141 -5.49 -10.68 -26.72
CA LEU B 141 -5.56 -9.56 -27.65
C LEU B 141 -4.27 -8.74 -27.63
N ILE B 142 -3.70 -8.54 -26.44
CA ILE B 142 -2.48 -7.74 -26.34
C ILE B 142 -1.30 -8.49 -26.97
N ARG B 143 -1.28 -9.82 -26.84
CA ARG B 143 -0.22 -10.62 -27.47
C ARG B 143 -0.22 -10.45 -28.98
N GLN B 144 -1.37 -10.26 -29.60
CA GLN B 144 -1.47 -10.05 -31.04
C GLN B 144 -1.40 -8.57 -31.43
N SER B 145 -1.28 -7.67 -30.47
CA SER B 145 -1.41 -6.26 -30.79
C SER B 145 -0.19 -5.76 -31.56
N PRO B 146 -0.40 -5.07 -32.69
CA PRO B 146 0.74 -4.42 -33.37
C PRO B 146 1.22 -3.18 -32.65
N VAL B 147 0.40 -2.61 -31.78
CA VAL B 147 0.72 -1.39 -31.04
C VAL B 147 0.85 -1.75 -29.57
N PRO B 148 1.58 -0.95 -28.77
CA PRO B 148 1.72 -1.25 -27.35
C PRO B 148 0.50 -0.81 -26.54
N TRP B 149 0.42 -1.35 -25.33
CA TRP B 149 -0.68 -1.10 -24.40
C TRP B 149 -0.13 -0.63 -23.06
N VAL B 150 -0.80 0.36 -22.47
CA VAL B 150 -0.63 0.72 -21.07
C VAL B 150 -1.99 0.58 -20.41
N LEU B 151 -2.05 -0.16 -19.31
CA LEU B 151 -3.28 -0.46 -18.60
C LEU B 151 -3.24 0.16 -17.21
N VAL B 152 -4.37 0.73 -16.78
CA VAL B 152 -4.46 1.33 -15.46
C VAL B 152 -5.35 0.45 -14.58
N SER B 153 -4.87 0.12 -13.39
CA SER B 153 -5.62 -0.66 -12.43
C SER B 153 -5.37 -0.13 -11.03
N SER B 154 -6.16 -0.61 -10.07
CA SER B 154 -6.13 -0.15 -8.69
C SER B 154 -5.56 -1.21 -7.77
N GLU B 155 -4.94 -0.75 -6.68
CA GLU B 155 -4.61 -1.60 -5.55
C GLU B 155 -5.66 -1.37 -4.47
N THR B 156 -6.33 -2.44 -4.05
CA THR B 156 -7.39 -2.32 -3.05
C THR B 156 -7.21 -3.26 -1.87
N GLY B 157 -6.09 -3.98 -1.80
CA GLY B 157 -5.91 -5.06 -0.84
C GLY B 157 -5.07 -4.77 0.39
N MET B 158 -4.64 -3.52 0.59
CA MET B 158 -3.72 -3.17 1.65
C MET B 158 -4.41 -2.42 2.78
N GLY B 159 -5.74 -2.50 2.83
CA GLY B 159 -6.51 -2.03 3.95
C GLY B 159 -7.02 -3.17 4.81
N ILE B 160 -8.10 -2.91 5.53
CA ILE B 160 -8.68 -3.88 6.44
C ILE B 160 -9.70 -4.75 5.70
N SER B 161 -9.76 -6.03 6.09
CA SER B 161 -10.66 -7.00 5.46
C SER B 161 -12.11 -6.69 5.80
N GLN B 162 -12.92 -6.38 4.78
CA GLN B 162 -14.29 -5.96 4.99
C GLN B 162 -15.17 -7.14 5.43
N SER B 163 -16.35 -6.82 5.92
CA SER B 163 -17.25 -7.82 6.50
C SER B 163 -18.12 -8.50 5.44
N ASP B 164 -18.73 -7.71 4.55
CA ASP B 164 -19.64 -8.28 3.56
C ASP B 164 -18.87 -9.13 2.56
N ALA B 165 -19.45 -10.27 2.19
CA ALA B 165 -18.80 -11.18 1.26
C ALA B 165 -18.61 -10.54 -0.12
N GLU B 166 -19.54 -9.68 -0.53
CA GLU B 166 -19.46 -9.09 -1.86
C GLU B 166 -18.22 -8.21 -2.02
N THR B 167 -17.91 -7.40 -1.00
CA THR B 167 -16.74 -6.53 -1.09
C THR B 167 -15.44 -7.35 -1.10
N ARG B 168 -15.38 -8.39 -0.26
CA ARG B 168 -14.23 -9.28 -0.30
C ARG B 168 -14.10 -9.97 -1.66
N HIS B 169 -15.22 -10.36 -2.26
CA HIS B 169 -15.17 -10.97 -3.59
C HIS B 169 -14.58 -10.01 -4.61
N TYR B 170 -15.05 -8.76 -4.60
CA TYR B 170 -14.51 -7.78 -5.54
C TYR B 170 -13.01 -7.58 -5.34
N CYS B 171 -12.59 -7.47 -4.08
CA CYS B 171 -11.18 -7.32 -3.76
C CYS B 171 -10.35 -8.51 -4.27
N ASP B 172 -10.80 -9.74 -3.95
CA ASP B 172 -10.11 -10.93 -4.41
C ASP B 172 -9.97 -10.93 -5.93
N GLY B 173 -11.08 -10.69 -6.63
CA GLY B 173 -11.05 -10.76 -8.09
C GLY B 173 -10.13 -9.72 -8.71
N LEU B 174 -10.19 -8.48 -8.22
CA LEU B 174 -9.30 -7.45 -8.73
C LEU B 174 -7.85 -7.82 -8.47
N GLY B 175 -7.56 -8.41 -7.32
CA GLY B 175 -6.21 -8.86 -7.06
C GLY B 175 -5.75 -9.90 -8.06
N ILE B 176 -6.62 -10.86 -8.36
CA ILE B 176 -6.29 -11.91 -9.31
C ILE B 176 -6.04 -11.32 -10.70
N ALA B 177 -6.88 -10.36 -11.10
CA ALA B 177 -6.73 -9.74 -12.42
C ALA B 177 -5.41 -8.98 -12.52
N ASN B 178 -5.06 -8.25 -11.46
CA ASN B 178 -3.78 -7.55 -11.45
C ASN B 178 -2.61 -8.53 -11.49
N GLN B 179 -2.71 -9.65 -10.77
CA GLN B 179 -1.66 -10.67 -10.83
C GLN B 179 -1.45 -11.19 -12.25
N LEU B 180 -2.55 -11.53 -12.92
CA LEU B 180 -2.46 -12.01 -14.31
C LEU B 180 -1.82 -10.97 -15.22
N LEU B 181 -2.31 -9.72 -15.15
CA LEU B 181 -1.80 -8.68 -16.04
C LEU B 181 -0.33 -8.39 -15.76
N ALA B 182 0.06 -8.35 -14.49
CA ALA B 182 1.45 -8.06 -14.15
C ALA B 182 2.37 -9.19 -14.57
N LYS B 183 1.90 -10.44 -14.49
CA LYS B 183 2.70 -11.54 -15.00
C LYS B 183 2.91 -11.41 -16.51
N SER B 184 1.86 -11.04 -17.24
CA SER B 184 2.04 -10.89 -18.68
C SER B 184 2.77 -9.60 -19.07
N ALA B 185 2.66 -8.55 -18.26
CA ALA B 185 3.15 -7.26 -18.69
C ALA B 185 4.67 -7.21 -18.75
N ASP B 186 5.17 -6.39 -19.66
CA ASP B 186 6.61 -6.18 -19.77
C ASP B 186 7.10 -5.23 -18.70
N GLU B 187 6.34 -4.19 -18.38
CA GLU B 187 6.71 -3.28 -17.32
C GLU B 187 5.54 -3.10 -16.35
N VAL B 188 5.84 -3.05 -15.07
CA VAL B 188 4.85 -2.83 -14.02
C VAL B 188 5.30 -1.68 -13.13
N TYR B 189 4.42 -0.72 -12.90
CA TYR B 189 4.72 0.43 -12.07
C TYR B 189 3.68 0.55 -10.96
N PHE B 190 4.17 0.88 -9.77
CA PHE B 190 3.34 1.07 -8.60
C PHE B 190 3.43 2.54 -8.25
N MET B 191 2.32 3.26 -8.39
CA MET B 191 2.31 4.70 -8.16
C MET B 191 2.14 4.97 -6.68
N VAL B 192 2.99 5.84 -6.13
CA VAL B 192 2.85 6.39 -4.79
C VAL B 192 2.91 7.90 -4.90
N ALA B 193 1.78 8.56 -4.61
CA ALA B 193 1.73 10.02 -4.52
C ALA B 193 2.26 10.69 -5.79
N GLY B 194 1.89 10.12 -6.95
CA GLY B 194 2.27 10.63 -8.23
C GLY B 194 3.62 10.15 -8.76
N LEU B 195 4.40 9.43 -7.96
CA LEU B 195 5.74 9.00 -8.33
C LEU B 195 5.75 7.49 -8.55
N PRO B 196 6.37 7.00 -9.64
CA PRO B 196 6.34 5.55 -9.92
C PRO B 196 7.48 4.75 -9.32
N LEU B 197 7.16 3.65 -8.63
CA LEU B 197 8.14 2.62 -8.31
C LEU B 197 8.11 1.55 -9.39
N THR B 198 9.29 1.09 -9.80
CA THR B 198 9.39 0.04 -10.79
C THR B 198 9.29 -1.32 -10.11
N VAL B 199 8.23 -2.07 -10.43
CA VAL B 199 8.07 -3.42 -9.93
C VAL B 199 8.55 -4.47 -10.94
N LYS B 200 8.66 -4.11 -12.22
CA LYS B 200 9.06 -5.07 -13.25
C LYS B 200 9.50 -4.30 -14.47
N LYS B 201 10.68 -4.61 -14.97
CA LYS B 201 11.23 -3.99 -16.17
C LYS B 201 11.99 -5.04 -16.95
N GLY B 202 11.72 -5.12 -18.26
CA GLY B 202 12.34 -6.11 -19.12
C GLY B 202 13.86 -6.06 -19.05
N SER C 19 19.00 -17.18 2.79
CA SER C 19 18.54 -16.23 3.80
C SER C 19 18.03 -16.93 5.05
N HIS C 20 18.37 -16.40 6.23
CA HIS C 20 17.95 -17.06 7.46
C HIS C 20 16.50 -16.72 7.81
N MET C 21 16.14 -15.44 7.85
CA MET C 21 14.77 -15.03 8.12
C MET C 21 14.29 -14.10 7.02
N THR C 22 13.15 -14.45 6.43
CA THR C 22 12.53 -13.68 5.36
C THR C 22 11.09 -13.36 5.73
N LEU C 23 10.73 -12.07 5.68
CA LEU C 23 9.36 -11.63 5.84
C LEU C 23 8.79 -11.30 4.46
N VAL C 24 7.71 -11.97 4.09
CA VAL C 24 7.00 -11.69 2.86
C VAL C 24 5.64 -11.14 3.28
N LEU C 25 5.39 -9.87 2.95
CA LEU C 25 4.10 -9.30 3.29
C LEU C 25 3.52 -8.61 2.06
N GLY C 26 2.21 -8.45 2.07
CA GLY C 26 1.52 -7.89 0.92
C GLY C 26 0.05 -7.80 1.21
N GLY C 27 -0.67 -7.20 0.26
CA GLY C 27 -2.09 -7.01 0.36
C GLY C 27 -2.87 -8.26 0.03
N ILE C 28 -4.20 -8.10 0.05
CA ILE C 28 -5.10 -9.21 -0.23
C ILE C 28 -4.92 -9.69 -1.65
N ARG C 29 -4.77 -11.01 -1.82
CA ARG C 29 -4.58 -11.61 -3.13
C ARG C 29 -3.43 -10.92 -3.88
N SER C 30 -2.27 -10.87 -3.22
CA SER C 30 -1.07 -10.28 -3.75
C SER C 30 -0.03 -11.32 -4.13
N GLY C 31 -0.33 -12.60 -3.96
CA GLY C 31 0.63 -13.63 -4.26
C GLY C 31 1.64 -13.90 -3.17
N LYS C 32 1.44 -13.36 -1.96
CA LYS C 32 2.46 -13.51 -0.94
C LYS C 32 2.60 -14.97 -0.50
N SER C 33 1.49 -15.70 -0.43
CA SER C 33 1.54 -17.10 -0.01
C SER C 33 2.33 -17.94 -1.02
N GLN C 34 2.05 -17.77 -2.30
CA GLN C 34 2.74 -18.56 -3.32
C GLN C 34 4.23 -18.23 -3.34
N TYR C 35 4.58 -16.96 -3.17
CA TYR C 35 5.98 -16.58 -3.15
C TYR C 35 6.70 -17.17 -1.94
N ALA C 36 6.05 -17.11 -0.77
CA ALA C 36 6.65 -17.72 0.41
C ALA C 36 6.73 -19.24 0.28
N GLU C 37 5.76 -19.86 -0.39
CA GLU C 37 5.81 -21.31 -0.57
C GLU C 37 6.94 -21.71 -1.52
N GLN C 38 7.18 -20.92 -2.56
CA GLN C 38 8.32 -21.19 -3.42
C GLN C 38 9.63 -20.97 -2.66
N ILE C 39 9.72 -19.93 -1.84
CA ILE C 39 10.91 -19.75 -1.00
C ILE C 39 11.11 -20.95 -0.08
N ALA C 40 10.03 -21.42 0.54
CA ALA C 40 10.12 -22.55 1.45
C ALA C 40 10.53 -23.82 0.71
N ALA C 41 9.99 -24.04 -0.49
CA ALA C 41 10.44 -25.16 -1.30
C ALA C 41 11.92 -25.03 -1.64
N GLY C 42 12.40 -23.80 -1.79
CA GLY C 42 13.82 -23.57 -1.92
C GLY C 42 14.59 -23.91 -0.66
N PHE C 43 13.93 -23.83 0.50
CA PHE C 43 14.58 -24.28 1.73
C PHE C 43 14.90 -25.78 1.69
N GLY C 44 14.01 -26.58 1.10
CA GLY C 44 14.21 -28.02 1.04
C GLY C 44 12.92 -28.73 0.68
N LYS C 45 12.90 -30.03 0.94
CA LYS C 45 11.73 -30.87 0.67
C LYS C 45 10.92 -31.15 1.93
N LYS C 46 11.56 -31.18 3.10
CA LYS C 46 10.87 -31.37 4.36
C LYS C 46 10.70 -29.98 4.98
N ILE C 47 9.48 -29.46 4.95
CA ILE C 47 9.18 -28.08 5.36
C ILE C 47 8.11 -28.10 6.44
N LEU C 48 8.36 -27.35 7.51
CA LEU C 48 7.39 -27.15 8.57
C LEU C 48 6.50 -25.97 8.21
N TYR C 49 5.24 -26.26 7.89
CA TYR C 49 4.23 -25.25 7.61
C TYR C 49 3.51 -24.96 8.93
N VAL C 50 3.94 -23.90 9.61
CA VAL C 50 3.34 -23.48 10.88
C VAL C 50 2.14 -22.61 10.54
N ALA C 51 0.95 -23.17 10.70
CA ALA C 51 -0.29 -22.45 10.42
C ALA C 51 -0.83 -21.84 11.71
N THR C 52 -1.21 -20.57 11.65
CA THR C 52 -1.68 -19.86 12.83
C THR C 52 -3.19 -19.62 12.83
N ALA C 53 -3.89 -20.00 11.77
CA ALA C 53 -5.34 -19.84 11.72
C ALA C 53 -6.01 -20.73 12.76
N TYR C 64 -13.40 -20.97 1.22
CA TYR C 64 -13.12 -21.30 -0.17
C TYR C 64 -11.61 -21.31 -0.43
N ARG C 65 -10.92 -20.31 0.13
CA ARG C 65 -9.51 -20.13 -0.17
C ARG C 65 -8.60 -21.03 0.65
N VAL C 66 -9.09 -21.59 1.76
CA VAL C 66 -8.31 -22.55 2.53
C VAL C 66 -8.28 -23.90 1.82
N ARG C 67 -9.37 -24.25 1.13
CA ARG C 67 -9.44 -25.49 0.34
C ARG C 67 -8.61 -25.45 -0.93
N LYS C 68 -7.95 -24.33 -1.24
CA LYS C 68 -7.04 -24.27 -2.38
C LYS C 68 -5.59 -24.54 -1.99
N ALA C 69 -5.17 -24.13 -0.79
CA ALA C 69 -3.83 -24.38 -0.29
C ALA C 69 -3.74 -25.64 0.57
N GLN C 70 -4.87 -26.14 1.08
CA GLN C 70 -4.86 -27.46 1.71
C GLN C 70 -4.63 -28.54 0.66
N GLU C 71 -5.40 -28.49 -0.43
CA GLU C 71 -5.36 -29.46 -1.53
C GLU C 71 -4.17 -29.25 -2.46
N ARG C 72 -3.16 -28.51 -2.01
CA ARG C 72 -2.00 -28.20 -2.83
C ARG C 72 -0.68 -28.37 -2.08
N ARG C 73 -0.71 -28.78 -0.82
CA ARG C 73 0.48 -28.77 0.01
C ARG C 73 1.36 -29.99 -0.29
N PRO C 74 2.67 -29.81 -0.47
CA PRO C 74 3.55 -30.96 -0.71
C PRO C 74 3.46 -31.98 0.42
N LYS C 75 3.36 -33.25 0.04
CA LYS C 75 3.15 -34.30 1.02
C LYS C 75 4.39 -34.56 1.89
N SER C 76 5.55 -34.01 1.51
CA SER C 76 6.72 -34.09 2.36
C SER C 76 6.78 -32.95 3.36
N TRP C 77 5.75 -32.11 3.38
CA TRP C 77 5.66 -30.99 4.31
C TRP C 77 4.82 -31.41 5.50
N LEU C 78 5.21 -30.94 6.68
CA LEU C 78 4.47 -31.20 7.91
C LEU C 78 3.74 -29.93 8.32
N THR C 79 2.42 -30.02 8.51
CA THR C 79 1.59 -28.86 8.82
C THR C 79 1.25 -28.87 10.31
N LEU C 80 1.85 -27.94 11.06
CA LEU C 80 1.63 -27.81 12.50
C LEU C 80 0.68 -26.65 12.78
N GLU C 81 -0.48 -26.97 13.35
CA GLU C 81 -1.45 -25.95 13.72
C GLU C 81 -1.12 -25.36 15.09
N CYS C 82 -1.03 -24.03 15.15
CA CYS C 82 -0.60 -23.34 16.38
C CYS C 82 -1.18 -21.94 16.36
N PRO C 83 -2.34 -21.73 16.96
CA PRO C 83 -3.00 -20.42 16.86
C PRO C 83 -2.31 -19.31 17.63
N ARG C 84 -1.71 -19.61 18.78
CA ARG C 84 -0.97 -18.62 19.55
C ARG C 84 0.21 -19.32 20.20
N HIS C 85 1.11 -18.52 20.78
CA HIS C 85 2.33 -19.01 21.41
C HIS C 85 3.14 -19.85 20.43
N VAL C 86 3.40 -19.27 19.26
CA VAL C 86 4.02 -20.02 18.17
C VAL C 86 5.42 -20.46 18.55
N ALA C 87 6.18 -19.57 19.19
CA ALA C 87 7.53 -19.93 19.62
C ALA C 87 7.50 -21.12 20.58
N SER C 88 6.58 -21.09 21.56
CA SER C 88 6.47 -22.18 22.52
C SER C 88 6.20 -23.51 21.82
N ALA C 89 5.17 -23.56 20.98
CA ALA C 89 4.79 -24.82 20.35
C ALA C 89 5.87 -25.32 19.40
N VAL C 90 6.46 -24.42 18.62
CA VAL C 90 7.48 -24.84 17.66
C VAL C 90 8.73 -25.33 18.38
N GLY C 91 9.12 -24.66 19.47
CA GLY C 91 10.25 -25.14 20.25
C GLY C 91 9.99 -26.48 20.90
N GLU C 92 8.79 -26.66 21.48
CA GLU C 92 8.49 -27.90 22.18
C GLU C 92 8.39 -29.08 21.22
N SER C 93 7.86 -28.85 20.01
CA SER C 93 7.71 -29.95 19.06
C SER C 93 9.05 -30.54 18.64
N GLY C 94 10.15 -29.82 18.87
CA GLY C 94 11.47 -30.30 18.51
C GLY C 94 11.64 -30.53 17.01
N LEU C 95 10.68 -30.02 16.23
CA LEU C 95 10.65 -30.24 14.80
C LEU C 95 11.67 -29.38 14.06
N LEU C 96 12.28 -28.40 14.73
CA LEU C 96 13.32 -27.60 14.10
C LEU C 96 14.51 -28.46 13.70
N ASP C 97 14.75 -29.57 14.40
CA ASP C 97 15.85 -30.48 14.08
C ASP C 97 15.46 -31.54 13.06
N GLN C 98 14.19 -31.59 12.64
CA GLN C 98 13.71 -32.62 11.73
C GLN C 98 13.39 -32.13 10.33
N VAL C 99 13.28 -30.81 10.12
CA VAL C 99 12.83 -30.26 8.85
C VAL C 99 13.95 -29.41 8.25
N ASP C 100 13.76 -29.01 7.00
CA ASP C 100 14.72 -28.17 6.30
C ASP C 100 14.50 -26.68 6.55
N GLY C 101 13.27 -26.28 6.86
CA GLY C 101 12.97 -24.87 7.05
C GLY C 101 11.50 -24.72 7.41
N VAL C 102 11.13 -23.49 7.75
CA VAL C 102 9.81 -23.19 8.30
C VAL C 102 9.14 -22.11 7.48
N ILE C 103 7.85 -22.25 7.24
CA ILE C 103 7.01 -21.18 6.69
C ILE C 103 5.89 -20.89 7.68
N LEU C 104 5.76 -19.63 8.10
CA LEU C 104 4.75 -19.21 9.06
C LEU C 104 3.61 -18.52 8.32
N GLU C 105 2.41 -19.12 8.41
CA GLU C 105 1.22 -18.60 7.74
C GLU C 105 0.11 -18.48 8.79
N CYS C 106 -0.16 -17.27 9.25
CA CYS C 106 0.46 -16.02 8.85
C CYS C 106 0.43 -15.07 10.04
N VAL C 107 1.31 -14.07 10.02
CA VAL C 107 1.39 -13.13 11.12
C VAL C 107 0.07 -12.39 11.30
N THR C 108 -0.69 -12.24 10.22
CA THR C 108 -1.98 -11.55 10.26
C THR C 108 -2.93 -12.20 11.24
N LEU C 109 -3.20 -13.49 11.04
CA LEU C 109 -4.11 -14.20 11.92
C LEU C 109 -3.52 -14.34 13.32
N LEU C 110 -2.19 -14.39 13.45
CA LEU C 110 -1.60 -14.36 14.77
C LEU C 110 -1.97 -13.07 15.50
N SER C 111 -1.90 -11.94 14.80
CA SER C 111 -2.26 -10.66 15.42
C SER C 111 -3.72 -10.63 15.82
N SER C 112 -4.60 -11.10 14.93
CA SER C 112 -6.03 -11.13 15.28
C SER C 112 -6.30 -12.05 16.46
N ASN C 113 -5.71 -13.25 16.47
CA ASN C 113 -5.90 -14.17 17.58
C ASN C 113 -5.47 -13.53 18.89
N THR C 114 -4.30 -12.87 18.88
CA THR C 114 -3.82 -12.22 20.09
C THR C 114 -4.78 -11.12 20.53
N LEU C 115 -5.36 -10.38 19.58
CA LEU C 115 -6.31 -9.33 19.97
C LEU C 115 -7.57 -9.91 20.59
N TYR C 116 -8.18 -10.88 19.92
CA TYR C 116 -9.44 -11.42 20.41
C TYR C 116 -9.25 -12.39 21.57
N ALA C 117 -8.01 -12.71 21.91
CA ALA C 117 -7.70 -13.50 23.10
C ALA C 117 -7.50 -12.63 24.33
N GLN C 118 -7.63 -11.31 24.19
CA GLN C 118 -7.48 -10.41 25.32
C GLN C 118 -8.81 -10.27 26.07
N LYS C 119 -8.72 -9.83 27.32
CA LYS C 119 -9.93 -9.62 28.11
C LYS C 119 -10.83 -8.59 27.46
N ASP C 120 -10.26 -7.46 27.05
CA ASP C 120 -11.01 -6.37 26.45
C ASP C 120 -10.32 -5.98 25.15
N PRO C 121 -10.79 -6.49 24.01
CA PRO C 121 -10.15 -6.14 22.72
C PRO C 121 -10.25 -4.67 22.36
N THR C 122 -11.02 -3.87 23.10
CA THR C 122 -11.07 -2.43 22.87
C THR C 122 -9.97 -1.66 23.59
N ASP C 123 -9.21 -2.30 24.47
CA ASP C 123 -8.11 -1.66 25.19
C ASP C 123 -6.80 -2.04 24.50
N TYR C 124 -6.09 -1.04 24.00
CA TYR C 124 -4.99 -1.31 23.06
C TYR C 124 -3.73 -1.78 23.78
N GLU C 125 -3.38 -1.16 24.90
CA GLU C 125 -2.11 -1.43 25.58
C GLU C 125 -1.88 -2.90 25.91
N PRO C 126 -2.81 -3.63 26.54
CA PRO C 126 -2.53 -5.05 26.85
C PRO C 126 -2.38 -5.91 25.61
N PHE C 127 -3.20 -5.67 24.58
CA PHE C 127 -3.03 -6.40 23.33
C PHE C 127 -1.67 -6.13 22.71
N GLN C 128 -1.23 -4.87 22.71
CA GLN C 128 0.09 -4.56 22.20
C GLN C 128 1.16 -5.30 22.98
N GLU C 129 1.05 -5.32 24.31
CA GLU C 129 2.05 -6.03 25.11
C GLU C 129 2.07 -7.51 24.76
N ALA C 130 0.89 -8.14 24.67
CA ALA C 130 0.83 -9.56 24.37
C ALA C 130 1.43 -9.86 23.01
N LEU C 131 1.10 -9.05 22.01
CA LEU C 131 1.61 -9.28 20.67
C LEU C 131 3.12 -9.03 20.59
N ILE C 132 3.61 -7.99 21.28
CA ILE C 132 5.04 -7.72 21.28
C ILE C 132 5.79 -8.86 21.93
N GLU C 133 5.24 -9.42 23.01
CA GLU C 133 5.85 -10.59 23.63
C GLU C 133 5.87 -11.77 22.67
N GLU C 134 4.75 -12.01 21.99
CA GLU C 134 4.68 -13.10 21.02
C GLU C 134 5.74 -12.93 19.93
N ILE C 135 5.86 -11.73 19.40
CA ILE C 135 6.80 -11.48 18.30
C ILE C 135 8.23 -11.59 18.78
N GLU C 136 8.53 -11.08 19.98
CA GLU C 136 9.88 -11.17 20.51
C GLU C 136 10.27 -12.62 20.78
N ALA C 137 9.32 -13.43 21.25
CA ALA C 137 9.59 -14.85 21.44
C ALA C 137 9.90 -15.53 20.11
N LEU C 138 9.12 -15.20 19.07
CA LEU C 138 9.38 -15.75 17.74
C LEU C 138 10.73 -15.30 17.21
N LYS C 139 11.10 -14.03 17.45
CA LYS C 139 12.39 -13.52 17.01
C LYS C 139 13.53 -14.24 17.70
N LYS C 140 13.42 -14.41 19.02
CA LYS C 140 14.44 -15.14 19.78
C LYS C 140 14.56 -16.57 19.26
N LEU C 141 13.42 -17.24 19.06
CA LEU C 141 13.45 -18.60 18.54
C LEU C 141 14.13 -18.67 17.17
N ILE C 142 13.86 -17.68 16.32
CA ILE C 142 14.43 -17.70 14.97
C ILE C 142 15.93 -17.42 15.02
N ARG C 143 16.38 -16.55 15.92
CA ARG C 143 17.82 -16.30 16.05
C ARG C 143 18.57 -17.57 16.44
N GLN C 144 17.97 -18.37 17.31
CA GLN C 144 18.53 -19.63 17.78
C GLN C 144 18.08 -20.82 16.94
N SER C 145 17.26 -20.58 15.91
CA SER C 145 16.74 -21.67 15.10
C SER C 145 17.85 -22.25 14.23
N PRO C 146 17.96 -23.58 14.16
CA PRO C 146 18.94 -24.18 13.24
C PRO C 146 18.53 -24.11 11.77
N VAL C 147 17.24 -23.91 11.48
CA VAL C 147 16.73 -23.88 10.11
C VAL C 147 16.26 -22.47 9.76
N PRO C 148 16.16 -22.13 8.48
CA PRO C 148 15.64 -20.80 8.12
C PRO C 148 14.13 -20.73 8.22
N TRP C 149 13.63 -19.50 8.31
CA TRP C 149 12.21 -19.22 8.43
C TRP C 149 11.78 -18.21 7.38
N VAL C 150 10.61 -18.44 6.78
CA VAL C 150 9.93 -17.45 5.95
C VAL C 150 8.56 -17.19 6.57
N LEU C 151 8.26 -15.92 6.83
CA LEU C 151 7.04 -15.51 7.52
C LEU C 151 6.16 -14.72 6.56
N VAL C 152 4.86 -14.99 6.59
CA VAL C 152 3.90 -14.29 5.75
C VAL C 152 3.05 -13.41 6.64
N SER C 153 2.89 -12.15 6.23
CA SER C 153 2.05 -11.21 6.95
C SER C 153 1.34 -10.33 5.94
N SER C 154 0.34 -9.59 6.42
CA SER C 154 -0.46 -8.71 5.58
C SER C 154 -0.16 -7.25 5.88
N GLU C 155 -0.28 -6.43 4.85
CA GLU C 155 -0.32 -4.98 4.99
C GLU C 155 -1.77 -4.55 5.06
N THR C 156 -2.15 -3.88 6.16
CA THR C 156 -3.54 -3.46 6.35
C THR C 156 -3.68 -1.98 6.66
N GLY C 157 -2.59 -1.21 6.59
CA GLY C 157 -2.62 0.16 7.06
C GLY C 157 -2.74 1.23 5.99
N MET C 158 -2.95 0.85 4.72
CA MET C 158 -2.93 1.83 3.63
C MET C 158 -4.31 2.13 3.08
N GLY C 159 -5.37 1.79 3.82
CA GLY C 159 -6.72 2.18 3.50
C GLY C 159 -7.22 3.29 4.39
N ILE C 160 -8.54 3.39 4.58
CA ILE C 160 -9.10 4.39 5.49
C ILE C 160 -9.24 3.78 6.88
N SER C 161 -8.94 4.59 7.91
CA SER C 161 -8.97 4.11 9.29
C SER C 161 -10.41 3.86 9.73
N GLN C 162 -10.72 2.59 10.04
CA GLN C 162 -12.08 2.18 10.31
C GLN C 162 -12.57 2.73 11.66
N SER C 163 -13.87 2.57 11.89
CA SER C 163 -14.53 3.22 13.01
C SER C 163 -14.33 2.47 14.33
N ASP C 164 -14.58 1.16 14.34
CA ASP C 164 -14.53 0.42 15.59
C ASP C 164 -13.11 0.39 16.13
N ALA C 165 -12.99 0.55 17.45
CA ALA C 165 -11.68 0.58 18.10
C ALA C 165 -10.93 -0.72 17.94
N GLU C 166 -11.65 -1.85 17.89
CA GLU C 166 -10.97 -3.14 17.74
C GLU C 166 -10.23 -3.22 16.41
N THR C 167 -10.84 -2.74 15.33
CA THR C 167 -10.19 -2.78 14.03
C THR C 167 -8.97 -1.88 13.98
N ARG C 168 -9.08 -0.67 14.54
CA ARG C 168 -7.92 0.22 14.60
C ARG C 168 -6.80 -0.40 15.45
N HIS C 169 -7.16 -1.04 16.57
CA HIS C 169 -6.16 -1.69 17.41
C HIS C 169 -5.48 -2.84 16.66
N TYR C 170 -6.27 -3.66 15.98
CA TYR C 170 -5.73 -4.76 15.19
C TYR C 170 -4.78 -4.26 14.11
N CYS C 171 -5.17 -3.18 13.43
CA CYS C 171 -4.32 -2.56 12.43
C CYS C 171 -3.01 -2.09 13.05
N ASP C 172 -3.11 -1.36 14.16
CA ASP C 172 -1.93 -0.87 14.87
C ASP C 172 -1.01 -2.02 15.26
N GLY C 173 -1.57 -3.06 15.87
CA GLY C 173 -0.76 -4.17 16.36
C GLY C 173 -0.08 -4.93 15.24
N LEU C 174 -0.82 -5.20 14.16
CA LEU C 174 -0.20 -5.87 13.02
C LEU C 174 0.90 -5.00 12.43
N GLY C 175 0.69 -3.68 12.40
CA GLY C 175 1.75 -2.79 11.93
C GLY C 175 3.00 -2.86 12.79
N ILE C 176 2.81 -2.84 14.11
CA ILE C 176 3.94 -2.96 15.04
C ILE C 176 4.65 -4.29 14.88
N ALA C 177 3.87 -5.36 14.72
CA ALA C 177 4.46 -6.69 14.55
C ALA C 177 5.26 -6.77 13.27
N ASN C 178 4.72 -6.24 12.18
CA ASN C 178 5.45 -6.22 10.93
C ASN C 178 6.71 -5.38 11.03
N GLN C 179 6.65 -4.27 11.76
CA GLN C 179 7.84 -3.47 11.99
C GLN C 179 8.92 -4.28 12.69
N LEU C 180 8.53 -4.97 13.77
CA LEU C 180 9.48 -5.79 14.50
C LEU C 180 10.09 -6.87 13.61
N LEU C 181 9.24 -7.62 12.93
CA LEU C 181 9.72 -8.73 12.12
C LEU C 181 10.60 -8.22 10.99
N ALA C 182 10.24 -7.09 10.37
CA ALA C 182 11.04 -6.60 9.26
C ALA C 182 12.40 -6.11 9.74
N LYS C 183 12.44 -5.49 10.91
CA LYS C 183 13.72 -5.04 11.44
C LYS C 183 14.63 -6.21 11.78
N SER C 184 14.09 -7.26 12.40
CA SER C 184 14.95 -8.39 12.74
C SER C 184 15.25 -9.29 11.53
N ALA C 185 14.36 -9.32 10.53
CA ALA C 185 14.51 -10.28 9.44
C ALA C 185 15.70 -9.92 8.56
N ASP C 186 16.26 -10.95 7.91
CA ASP C 186 17.38 -10.71 7.00
C ASP C 186 16.90 -10.20 5.64
N GLU C 187 15.81 -10.73 5.11
CA GLU C 187 15.25 -10.25 3.86
C GLU C 187 13.77 -9.98 4.00
N VAL C 188 13.31 -8.89 3.40
CA VAL C 188 11.90 -8.50 3.43
C VAL C 188 11.44 -8.24 2.00
N TYR C 189 10.30 -8.83 1.64
CA TYR C 189 9.71 -8.65 0.33
C TYR C 189 8.28 -8.14 0.48
N PHE C 190 7.94 -7.17 -0.36
CA PHE C 190 6.63 -6.54 -0.40
C PHE C 190 5.97 -6.92 -1.72
N MET C 191 4.87 -7.66 -1.64
CA MET C 191 4.22 -8.17 -2.84
C MET C 191 3.30 -7.10 -3.42
N VAL C 192 3.47 -6.81 -4.70
CA VAL C 192 2.56 -5.97 -5.47
C VAL C 192 2.14 -6.76 -6.70
N ALA C 193 0.87 -7.15 -6.75
CA ALA C 193 0.29 -7.82 -7.91
C ALA C 193 1.08 -9.07 -8.29
N GLY C 194 1.50 -9.84 -7.29
CA GLY C 194 2.24 -11.06 -7.53
C GLY C 194 3.74 -10.89 -7.70
N LEU C 195 4.23 -9.68 -7.74
CA LEU C 195 5.64 -9.51 -7.93
C LEU C 195 6.29 -8.99 -6.67
N PRO C 196 7.45 -9.51 -6.29
CA PRO C 196 8.10 -9.08 -5.04
C PRO C 196 8.99 -7.87 -5.25
N LEU C 197 8.82 -6.85 -4.41
CA LEU C 197 9.77 -5.76 -4.24
C LEU C 197 10.67 -6.07 -3.05
N THR C 198 11.95 -5.79 -3.19
CA THR C 198 12.88 -5.98 -2.09
C THR C 198 12.85 -4.74 -1.20
N VAL C 199 12.42 -4.93 0.05
CA VAL C 199 12.49 -3.87 1.04
C VAL C 199 13.74 -3.99 1.90
N LYS C 200 14.37 -5.16 1.93
CA LYS C 200 15.54 -5.39 2.75
C LYS C 200 16.23 -6.66 2.27
N LYS C 201 17.52 -6.57 1.97
CA LYS C 201 18.29 -7.75 1.61
C LYS C 201 19.70 -7.59 2.16
N GLY C 202 20.19 -8.63 2.82
CA GLY C 202 21.49 -8.61 3.48
C GLY C 202 22.65 -8.21 2.57
PG GTP D . 3.70 5.49 12.31
O1G GTP D . 4.84 4.70 12.85
O2G GTP D . 3.33 4.95 10.96
O3G GTP D . 4.09 6.95 12.22
O3B GTP D . 2.45 5.32 13.32
PB GTP D . 1.11 6.21 13.17
O1B GTP D . 1.39 7.43 12.33
O2B GTP D . -0.01 5.40 12.58
O3A GTP D . 0.77 6.67 14.69
PA GTP D . 1.79 7.47 15.66
O1A GTP D . 3.24 7.31 15.26
O2A GTP D . 1.61 7.00 17.09
O5' GTP D . 1.40 9.02 15.49
C5' GTP D . 0.68 9.64 16.52
C4' GTP D . 0.02 10.94 16.06
O4' GTP D . 0.09 11.84 17.14
C3' GTP D . 0.72 11.62 14.89
O3' GTP D . -0.11 11.59 13.74
C2' GTP D . 0.90 13.06 15.30
O2' GTP D . 0.20 13.90 14.43
C1' GTP D . 0.32 13.16 16.71
N9 GTP D . 1.24 13.86 17.63
C8 GTP D . 2.50 13.46 18.00
N7 GTP D . 3.00 14.37 18.87
C5 GTP D . 2.09 15.34 19.07
C6 GTP D . 2.09 16.50 19.86
O6 GTP D . 3.07 16.79 20.55
N1 GTP D . 0.97 17.32 19.86
C2 GTP D . -0.12 16.99 19.08
N2 GTP D . -1.19 17.78 19.07
N3 GTP D . -0.12 15.85 18.31
C4 GTP D . 0.98 15.04 18.30
MG MG E . 3.04 8.95 12.83
PG 3PO F . -5.36 8.62 -10.15
O1G 3PO F . -5.34 8.14 -11.58
O2G 3PO F . -4.93 7.55 -9.18
O3G 3PO F . -4.60 9.91 -9.97
PB 3PO F . -8.20 8.01 -9.78
O1B 3PO F . -8.83 8.04 -8.43
O2B 3PO F . -7.86 6.70 -10.42
O3B 3PO F . -6.90 8.94 -9.78
PA 3PO F . -8.92 9.26 -12.34
O1A 3PO F . -7.78 10.25 -12.35
O2A 3PO F . -8.56 7.97 -13.06
O3A 3PO F . -9.13 8.84 -10.79
O5' 3PO F . -10.23 9.84 -12.80
PG GTP G . -2.16 -13.98 -1.17
O1G GTP G . -1.37 -14.81 -0.17
O2G GTP G . -1.79 -14.44 -2.55
O3G GTP G . -1.85 -12.52 -0.97
O3B GTP G . -3.74 -14.26 -0.98
PB GTP G . -4.54 -13.90 0.38
O1B GTP G . -3.54 -13.76 1.51
O2B GTP G . -5.38 -12.65 0.22
O3A GTP G . -5.50 -15.17 0.67
PA GTP G . -4.96 -16.69 0.69
O1A GTP G . -5.92 -17.54 -0.12
O2A GTP G . -3.56 -16.76 0.14
O5' GTP G . -4.95 -17.18 2.22
C5' GTP G . -6.08 -17.77 2.83
C4' GTP G . -5.70 -18.10 4.25
O4' GTP G . -5.84 -19.48 4.50
C3' GTP G . -4.23 -17.78 4.54
O3' GTP G . -4.10 -16.53 5.18
C2' GTP G . -3.74 -18.95 5.40
O2' GTP G . -3.29 -18.55 6.68
C1' GTP G . -4.92 -19.89 5.50
N9 GTP G . -4.46 -21.27 5.27
C8 GTP G . -4.08 -21.83 4.06
N7 GTP G . -3.72 -23.12 4.29
C5 GTP G . -3.87 -23.39 5.62
C6 GTP G . -3.65 -24.53 6.37
O6 GTP G . -3.23 -25.56 5.83
N1 GTP G . -3.89 -24.52 7.73
C2 GTP G . -4.36 -23.36 8.33
N2 GTP G . -4.60 -23.34 9.64
N3 GTP G . -4.57 -22.22 7.57
C4 GTP G . -4.33 -22.23 6.24
MG MG H . -2.09 -15.82 2.44
#